data_4A32
#
_entry.id   4A32
#
_cell.length_a   48.860
_cell.length_b   91.254
_cell.length_c   53.842
_cell.angle_alpha   90.00
_cell.angle_beta   113.86
_cell.angle_gamma   90.00
#
_symmetry.space_group_name_H-M   'P 1 21 1'
#
loop_
_entity.id
_entity.type
_entity.pdbx_description
1 polymer 'GLYCYLPEPTIDE N-TETRADECANOYLTRANSFERASE'
2 non-polymer GLYCEROL
3 non-polymer "3,5-DICHLORO-3'-[(DIETHYLAMINO)METHYL]-N-(1,3,5-TRIMETHYL-1H-PYRAZOL-4-YL)BIPHENYL-4-SULFONAMIDE"
4 non-polymer TETRADECANOYL-COA
5 water water
#
_entity_poly.entity_id   1
_entity_poly.type   'polypeptide(L)'
_entity_poly.pdbx_seq_one_letter_code
;MGSSHHHHHHSSGRENLYFQGPSNSDAAHAFWSTQPVPQTEDETEKIVFAGPMDEPKTVADIPEEPYPIASTFEWWTPNM
EAADDIHAIYELLRDNYVEDDDSMFRFNYSEEFLQWALCPPNYIPDWHVAVRRKADKKLLAFIAGVPVTLRMGTPKYMKV
KAQEKGEGEEAAKYDEPRHICEINFLCVHKQLREKRLAPILIKEATRRVNRTNVWQAVYTAGVLLPTPYASGQYFHRSLN
PEKLVEIRFSGIPAQYQKFQNPMAMLKRNYQLPSAPKNSGLREMKPSDVPQVRRILMNYLDSFDVGPVFSDAEISHYLLP
RDGVVFTYVVENDKKVTDFFSFYRIPSTVIGNSNYNLLNAAYVHYYAATSIPLHQLILDLLIVAHSRGFDVCNMVEILDN
RSFVEQLKFGAGDGHLRYYFYNWAYPKIKPSQVALVML
;
_entity_poly.pdbx_strand_id   A
#
# COMPACT_ATOMS: atom_id res chain seq x y z
N ALA A 28 -10.51 -23.41 -10.73
CA ALA A 28 -9.62 -23.08 -11.87
C ALA A 28 -9.61 -21.56 -12.07
N HIS A 29 -8.50 -21.07 -12.61
CA HIS A 29 -8.39 -19.66 -12.91
C HIS A 29 -8.14 -19.52 -14.40
N ALA A 30 -9.19 -19.26 -15.16
CA ALA A 30 -9.12 -19.16 -16.62
C ALA A 30 -8.09 -18.13 -17.09
N PHE A 31 -7.89 -17.08 -16.29
CA PHE A 31 -6.88 -16.07 -16.61
C PHE A 31 -5.54 -16.38 -15.93
N TRP A 32 -5.53 -16.46 -14.60
CA TRP A 32 -4.27 -16.58 -13.84
C TRP A 32 -3.44 -17.83 -14.13
N SER A 33 -4.12 -18.91 -14.53
CA SER A 33 -3.44 -20.11 -15.01
C SER A 33 -2.56 -19.87 -16.27
N THR A 34 -2.80 -18.77 -16.98
CA THR A 34 -2.06 -18.47 -18.22
C THR A 34 -0.84 -17.54 -17.99
N GLN A 35 -0.58 -17.22 -16.72
CA GLN A 35 0.34 -16.14 -16.38
C GLN A 35 1.58 -16.65 -15.65
N PRO A 36 2.70 -15.92 -15.79
CA PRO A 36 3.93 -16.29 -15.11
C PRO A 36 3.90 -15.92 -13.62
N VAL A 37 3.06 -16.65 -12.87
CA VAL A 37 3.01 -16.55 -11.41
C VAL A 37 2.96 -17.97 -10.83
N PRO A 38 3.42 -18.15 -9.58
CA PRO A 38 3.21 -19.47 -8.97
C PRO A 38 1.71 -19.78 -8.86
N GLN A 39 1.35 -21.05 -9.06
CA GLN A 39 -0.04 -21.45 -9.29
C GLN A 39 -0.75 -22.08 -8.08
N THR A 40 0.04 -22.60 -7.13
CA THR A 40 -0.46 -23.19 -5.89
C THR A 40 0.42 -22.78 -4.70
N GLU A 41 -0.15 -22.85 -3.50
CA GLU A 41 0.61 -22.74 -2.25
C GLU A 41 1.79 -23.68 -2.26
N ASP A 42 1.54 -24.93 -2.66
CA ASP A 42 2.60 -25.92 -2.71
C ASP A 42 3.80 -25.44 -3.54
N GLU A 43 3.56 -24.96 -4.75
CA GLU A 43 4.63 -24.40 -5.59
C GLU A 43 5.47 -23.32 -4.87
N THR A 44 4.82 -22.40 -4.15
CA THR A 44 5.52 -21.30 -3.48
C THR A 44 6.36 -21.75 -2.28
N GLU A 45 5.96 -22.83 -1.61
CA GLU A 45 6.72 -23.34 -0.49
C GLU A 45 8.00 -24.10 -0.86
N LYS A 46 8.07 -24.60 -2.10
CA LYS A 46 9.25 -25.31 -2.56
C LYS A 46 10.31 -24.38 -3.20
N ILE A 47 9.91 -23.15 -3.53
CA ILE A 47 10.84 -22.15 -4.11
C ILE A 47 11.94 -21.73 -3.11
N VAL A 48 13.19 -21.75 -3.57
CA VAL A 48 14.30 -21.38 -2.70
C VAL A 48 15.01 -20.09 -3.18
N PHE A 49 15.13 -19.90 -4.49
CA PHE A 49 15.87 -18.75 -5.01
C PHE A 49 14.93 -17.75 -5.66
N ALA A 50 15.23 -16.47 -5.48
CA ALA A 50 14.55 -15.41 -6.24
C ALA A 50 14.98 -15.47 -7.70
N GLY A 51 14.04 -15.16 -8.58
CA GLY A 51 14.32 -15.15 -10.01
C GLY A 51 13.07 -15.09 -10.87
N PRO A 52 13.25 -14.82 -12.17
CA PRO A 52 12.10 -14.66 -13.07
C PRO A 52 11.46 -16.01 -13.35
N MET A 53 10.23 -16.02 -13.85
CA MET A 53 9.56 -17.27 -14.18
C MET A 53 9.48 -17.46 -15.68
N ASP A 54 9.27 -16.36 -16.39
CA ASP A 54 8.97 -16.39 -17.81
C ASP A 54 10.19 -16.68 -18.69
N GLU A 55 9.94 -16.98 -19.97
CA GLU A 55 10.99 -16.94 -21.00
C GLU A 55 11.56 -15.51 -21.08
N PRO A 56 12.91 -15.39 -21.18
CA PRO A 56 13.43 -14.03 -21.35
C PRO A 56 12.96 -13.46 -22.68
N LYS A 57 12.53 -12.20 -22.66
CA LYS A 57 12.04 -11.55 -23.85
C LYS A 57 12.69 -10.20 -24.00
N THR A 58 12.33 -9.52 -25.07
CA THR A 58 12.92 -8.24 -25.40
C THR A 58 11.78 -7.30 -25.76
N VAL A 59 12.04 -6.00 -25.73
CA VAL A 59 11.04 -5.03 -26.10
C VAL A 59 10.52 -5.29 -27.53
N ALA A 60 11.43 -5.60 -28.45
CA ALA A 60 11.07 -5.91 -29.83
C ALA A 60 10.11 -7.11 -29.99
N ASP A 61 10.13 -8.04 -29.02
CA ASP A 61 9.21 -9.18 -29.00
C ASP A 61 7.78 -8.77 -28.64
N ILE A 62 7.63 -7.59 -28.04
CA ILE A 62 6.35 -7.16 -27.47
C ILE A 62 5.55 -6.44 -28.52
N PRO A 63 4.26 -6.79 -28.65
CA PRO A 63 3.39 -6.10 -29.60
C PRO A 63 3.41 -4.59 -29.37
N GLU A 64 3.52 -3.82 -30.43
CA GLU A 64 3.50 -2.36 -30.32
C GLU A 64 2.10 -1.78 -30.25
N GLU A 65 1.13 -2.58 -30.65
CA GLU A 65 -0.24 -2.10 -30.73
C GLU A 65 -1.03 -2.57 -29.54
N PRO A 66 -1.94 -1.70 -29.05
CA PRO A 66 -2.68 -2.03 -27.85
C PRO A 66 -3.50 -3.26 -28.09
N TYR A 67 -3.76 -3.96 -27.00
CA TYR A 67 -4.55 -5.14 -27.03
C TYR A 67 -5.95 -4.81 -27.58
N PRO A 68 -6.51 -5.70 -28.41
CA PRO A 68 -7.86 -5.47 -28.95
C PRO A 68 -8.89 -5.42 -27.83
N ILE A 69 -9.84 -4.49 -27.94
CA ILE A 69 -11.06 -4.49 -27.13
C ILE A 69 -12.25 -4.25 -28.05
N ALA A 70 -13.45 -4.56 -27.57
CA ALA A 70 -14.68 -4.32 -28.34
C ALA A 70 -14.83 -2.87 -28.84
N SER A 71 -15.55 -2.72 -29.94
CA SER A 71 -15.60 -1.50 -30.74
C SER A 71 -16.32 -0.30 -30.10
N THR A 72 -17.11 -0.56 -29.05
CA THR A 72 -17.80 0.48 -28.29
C THR A 72 -16.91 1.07 -27.17
N PHE A 73 -15.75 0.44 -26.95
CA PHE A 73 -14.80 0.89 -25.95
C PHE A 73 -13.51 1.40 -26.63
N GLU A 74 -12.75 2.23 -25.92
CA GLU A 74 -11.40 2.63 -26.33
C GLU A 74 -10.45 2.67 -25.13
N TRP A 75 -9.17 2.41 -25.40
CA TRP A 75 -8.08 2.63 -24.46
C TRP A 75 -7.84 4.11 -24.30
N TRP A 76 -7.57 4.55 -23.08
CA TRP A 76 -7.28 5.94 -22.78
C TRP A 76 -6.09 6.06 -21.81
N THR A 77 -5.18 6.99 -22.09
CA THR A 77 -4.14 7.37 -21.14
C THR A 77 -4.48 8.72 -20.47
N PRO A 78 -4.97 8.66 -19.22
CA PRO A 78 -5.28 9.89 -18.46
C PRO A 78 -4.06 10.77 -18.30
N ASN A 79 -4.27 12.08 -18.39
CA ASN A 79 -3.25 13.04 -18.03
C ASN A 79 -3.39 13.38 -16.54
N MET A 80 -2.37 12.96 -15.77
CA MET A 80 -2.44 13.04 -14.32
C MET A 80 -2.31 14.45 -13.75
N GLU A 81 -1.97 15.40 -14.61
CA GLU A 81 -1.93 16.82 -14.23
C GLU A 81 -3.18 17.58 -14.67
N ALA A 82 -4.02 16.94 -15.49
CA ALA A 82 -5.32 17.50 -15.84
C ALA A 82 -6.29 17.25 -14.68
N ALA A 83 -6.76 18.34 -14.07
CA ALA A 83 -7.68 18.27 -12.92
C ALA A 83 -8.92 17.47 -13.26
N ASP A 84 -9.35 17.58 -14.51
CA ASP A 84 -10.58 16.93 -14.91
C ASP A 84 -10.36 15.42 -15.23
N ASP A 85 -9.14 15.04 -15.63
CA ASP A 85 -8.77 13.63 -15.73
C ASP A 85 -8.71 12.98 -14.33
N ILE A 86 -7.93 13.58 -13.43
CA ILE A 86 -7.92 13.20 -12.02
C ILE A 86 -9.34 13.09 -11.51
N HIS A 87 -10.18 14.08 -11.78
CA HIS A 87 -11.55 14.05 -11.29
C HIS A 87 -12.28 12.80 -11.75
N ALA A 88 -12.09 12.45 -13.03
CA ALA A 88 -12.78 11.32 -13.66
C ALA A 88 -12.40 9.99 -13.02
N ILE A 89 -11.11 9.82 -12.75
CA ILE A 89 -10.60 8.65 -12.02
C ILE A 89 -11.13 8.63 -10.59
N TYR A 90 -11.13 9.81 -9.96
CA TYR A 90 -11.63 10.00 -8.60
C TYR A 90 -13.05 9.47 -8.45
N GLU A 91 -13.90 9.80 -9.42
CA GLU A 91 -15.29 9.40 -9.38
C GLU A 91 -15.49 7.93 -9.60
N LEU A 92 -14.69 7.34 -10.48
CA LEU A 92 -14.78 5.90 -10.69
C LEU A 92 -14.48 5.19 -9.38
N LEU A 93 -13.40 5.60 -8.73
CA LEU A 93 -12.99 4.94 -7.48
C LEU A 93 -13.93 5.26 -6.34
N ARG A 94 -14.47 6.47 -6.28
CA ARG A 94 -15.40 6.83 -5.20
C ARG A 94 -16.63 5.92 -5.24
N ASP A 95 -17.09 5.58 -6.44
CA ASP A 95 -18.32 4.80 -6.57
C ASP A 95 -18.09 3.30 -6.77
N ASN A 96 -16.89 2.93 -7.19
CA ASN A 96 -16.68 1.53 -7.55
C ASN A 96 -15.48 0.79 -6.95
N TYR A 97 -14.71 1.43 -6.07
CA TYR A 97 -13.48 0.80 -5.60
C TYR A 97 -13.75 -0.15 -4.41
N VAL A 98 -12.71 -0.55 -3.70
CA VAL A 98 -12.81 -1.57 -2.63
C VAL A 98 -13.86 -1.26 -1.54
N GLU A 99 -14.70 -2.23 -1.26
CA GLU A 99 -15.64 -2.15 -0.14
C GLU A 99 -15.25 -3.21 0.89
N ASP A 100 -15.71 -3.05 2.12
CA ASP A 100 -15.70 -4.15 3.09
C ASP A 100 -16.66 -5.25 2.64
N ASP A 101 -16.52 -6.42 3.25
CA ASP A 101 -17.32 -7.62 2.95
C ASP A 101 -18.81 -7.45 3.21
N ASP A 102 -19.16 -6.53 4.11
CA ASP A 102 -20.57 -6.28 4.44
C ASP A 102 -21.09 -5.04 3.76
N SER A 103 -20.30 -4.50 2.84
CA SER A 103 -20.63 -3.27 2.11
C SER A 103 -21.26 -2.15 2.98
N MET A 104 -20.48 -1.75 3.99
CA MET A 104 -20.80 -0.63 4.89
C MET A 104 -19.83 0.54 4.62
N PHE A 105 -18.63 0.19 4.13
CA PHE A 105 -17.60 1.19 3.80
C PHE A 105 -17.02 1.00 2.39
N ARG A 106 -16.68 2.12 1.72
CA ARG A 106 -15.98 2.10 0.44
C ARG A 106 -14.90 3.18 0.49
N PHE A 107 -13.71 2.88 0.00
CA PHE A 107 -12.63 3.89 0.01
C PHE A 107 -13.01 5.15 -0.76
N ASN A 108 -12.58 6.30 -0.25
CA ASN A 108 -12.83 7.56 -0.90
C ASN A 108 -11.53 8.34 -1.06
N TYR A 109 -10.57 7.75 -1.78
CA TYR A 109 -9.30 8.44 -2.01
C TYR A 109 -9.57 9.82 -2.63
N SER A 110 -8.94 10.88 -2.10
CA SER A 110 -9.19 12.23 -2.62
C SER A 110 -8.48 12.46 -3.98
N GLU A 111 -8.82 13.53 -4.69
CA GLU A 111 -8.12 13.87 -5.95
C GLU A 111 -6.63 14.18 -5.71
N GLU A 112 -6.34 14.92 -4.65
CA GLU A 112 -4.99 15.26 -4.24
C GLU A 112 -4.20 14.00 -3.90
N PHE A 113 -4.83 13.07 -3.19
CA PHE A 113 -4.15 11.80 -2.86
C PHE A 113 -3.80 11.09 -4.14
N LEU A 114 -4.70 11.13 -5.13
CA LEU A 114 -4.47 10.38 -6.39
C LEU A 114 -3.36 11.00 -7.22
N GLN A 115 -3.32 12.32 -7.33
CA GLN A 115 -2.20 12.95 -8.03
C GLN A 115 -0.87 12.58 -7.35
N TRP A 116 -0.85 12.63 -6.02
CA TRP A 116 0.32 12.24 -5.24
C TRP A 116 0.73 10.77 -5.47
N ALA A 117 -0.23 9.84 -5.39
CA ALA A 117 0.09 8.42 -5.57
C ALA A 117 0.47 8.05 -7.01
N LEU A 118 -0.20 8.67 -7.97
CA LEU A 118 -0.01 8.28 -9.36
C LEU A 118 1.17 8.95 -10.05
N CYS A 119 1.63 10.07 -9.50
CA CYS A 119 2.66 10.88 -10.15
C CYS A 119 3.96 11.08 -9.36
N PRO A 120 4.61 9.97 -8.95
CA PRO A 120 5.90 10.10 -8.26
C PRO A 120 7.01 10.48 -9.27
N PRO A 121 8.23 10.78 -8.79
CA PRO A 121 9.36 11.09 -9.68
C PRO A 121 9.62 10.02 -10.74
N ASN A 122 9.83 10.46 -11.98
CA ASN A 122 10.12 9.57 -13.12
C ASN A 122 8.96 8.63 -13.49
N TYR A 123 7.74 8.97 -13.08
CA TYR A 123 6.58 8.13 -13.44
C TYR A 123 6.36 8.11 -14.95
N ILE A 124 5.89 6.97 -15.43
CA ILE A 124 5.65 6.77 -16.86
C ILE A 124 4.17 6.92 -17.11
N PRO A 125 3.77 8.01 -17.81
CA PRO A 125 2.35 8.29 -18.05
C PRO A 125 1.63 7.11 -18.69
N ASP A 126 2.30 6.43 -19.62
CA ASP A 126 1.73 5.28 -20.33
C ASP A 126 1.32 4.14 -19.38
N TRP A 127 1.87 4.15 -18.18
CA TRP A 127 1.52 3.09 -17.20
C TRP A 127 0.16 3.28 -16.54
N HIS A 128 -0.52 4.38 -16.85
CA HIS A 128 -1.87 4.60 -16.35
C HIS A 128 -2.83 4.24 -17.47
N VAL A 129 -3.57 3.16 -17.25
CA VAL A 129 -4.36 2.48 -18.28
C VAL A 129 -5.85 2.55 -17.93
N ALA A 130 -6.61 3.20 -18.79
CA ALA A 130 -8.05 3.34 -18.62
C ALA A 130 -8.82 2.83 -19.85
N VAL A 131 -10.03 2.33 -19.62
CA VAL A 131 -10.98 1.98 -20.67
C VAL A 131 -12.14 2.95 -20.57
N ARG A 132 -12.48 3.61 -21.68
CA ARG A 132 -13.63 4.52 -21.77
C ARG A 132 -14.64 4.00 -22.77
N ARG A 133 -15.91 4.33 -22.53
CA ARG A 133 -16.96 4.07 -23.47
C ARG A 133 -16.78 5.05 -24.62
N LYS A 134 -16.59 4.53 -25.84
CA LYS A 134 -16.28 5.36 -27.02
C LYS A 134 -17.28 6.50 -27.26
N ALA A 135 -18.56 6.20 -27.09
CA ALA A 135 -19.64 7.16 -27.37
C ALA A 135 -19.60 8.44 -26.51
N ASP A 136 -19.67 8.27 -25.17
CA ASP A 136 -19.78 9.38 -24.21
C ASP A 136 -18.50 9.65 -23.39
N LYS A 137 -17.51 8.78 -23.54
CA LYS A 137 -16.25 8.82 -22.80
C LYS A 137 -16.44 8.61 -21.29
N LYS A 138 -17.48 7.87 -20.90
CA LYS A 138 -17.62 7.48 -19.51
C LYS A 138 -16.52 6.47 -19.19
N LEU A 139 -15.77 6.73 -18.12
CA LEU A 139 -14.69 5.85 -17.69
C LEU A 139 -15.29 4.59 -17.05
N LEU A 140 -14.80 3.44 -17.49
CA LEU A 140 -15.41 2.16 -17.14
C LEU A 140 -14.46 1.25 -16.37
N ALA A 141 -13.17 1.50 -16.52
CA ALA A 141 -12.18 0.69 -15.85
C ALA A 141 -10.86 1.42 -15.78
N PHE A 142 -10.08 1.12 -14.75
CA PHE A 142 -8.79 1.78 -14.53
C PHE A 142 -7.81 0.80 -13.92
N ILE A 143 -6.54 0.95 -14.28
CA ILE A 143 -5.44 0.26 -13.57
C ILE A 143 -4.24 1.19 -13.65
N ALA A 144 -3.44 1.23 -12.59
CA ALA A 144 -2.29 2.11 -12.56
C ALA A 144 -1.01 1.40 -12.14
N GLY A 145 0.08 1.77 -12.81
CA GLY A 145 1.41 1.27 -12.50
C GLY A 145 2.34 2.45 -12.28
N VAL A 146 3.17 2.37 -11.25
CA VAL A 146 4.20 3.37 -11.02
C VAL A 146 5.54 2.68 -10.78
N PRO A 147 6.65 3.38 -11.10
CA PRO A 147 7.95 2.74 -10.91
C PRO A 147 8.28 2.61 -9.44
N VAL A 148 8.99 1.56 -9.11
CA VAL A 148 9.57 1.39 -7.78
C VAL A 148 10.91 0.68 -7.96
N THR A 149 11.89 1.09 -7.14
CA THR A 149 13.18 0.41 -7.09
C THR A 149 13.10 -0.51 -5.90
N LEU A 150 13.07 -1.82 -6.13
CA LEU A 150 12.81 -2.76 -5.04
C LEU A 150 13.93 -3.80 -4.82
N ARG A 151 14.37 -3.95 -3.57
CA ARG A 151 15.18 -5.11 -3.21
C ARG A 151 14.23 -6.30 -3.11
N MET A 152 14.58 -7.39 -3.78
CA MET A 152 13.70 -8.54 -3.97
C MET A 152 14.55 -9.78 -4.29
N GLY A 153 15.80 -9.76 -3.82
CA GLY A 153 16.67 -10.91 -3.89
C GLY A 153 16.32 -11.97 -2.85
N THR A 154 16.94 -13.14 -2.98
CA THR A 154 16.76 -14.23 -2.05
C THR A 154 16.82 -13.76 -0.59
N PRO A 155 15.80 -14.10 0.20
CA PRO A 155 15.75 -13.67 1.60
C PRO A 155 16.90 -14.28 2.42
N LYS A 156 17.29 -13.57 3.47
CA LYS A 156 18.46 -13.90 4.28
C LYS A 156 18.53 -15.37 4.71
N TYR A 157 17.43 -15.90 5.25
CA TYR A 157 17.43 -17.27 5.78
C TYR A 157 17.78 -18.28 4.67
N MET A 158 17.08 -18.22 3.54
CA MET A 158 17.41 -19.03 2.37
C MET A 158 18.85 -18.84 1.87
N LYS A 159 19.39 -17.63 1.96
CA LYS A 159 20.76 -17.35 1.53
C LYS A 159 21.77 -18.12 2.37
N VAL A 160 21.50 -18.15 3.67
CA VAL A 160 22.25 -18.91 4.66
C VAL A 160 22.24 -20.40 4.28
N LYS A 161 21.04 -20.97 4.16
CA LYS A 161 20.84 -22.35 3.70
C LYS A 161 21.54 -22.67 2.37
N ALA A 162 21.71 -21.67 1.52
CA ALA A 162 22.35 -21.88 0.23
C ALA A 162 23.86 -22.00 0.37
N GLN A 163 24.42 -21.35 1.39
CA GLN A 163 25.86 -21.42 1.66
C GLN A 163 26.24 -22.79 2.18
N GLU A 164 25.38 -23.32 3.05
CA GLU A 164 25.50 -24.68 3.58
C GLU A 164 25.56 -25.69 2.42
N LYS A 165 24.69 -25.48 1.42
CA LYS A 165 24.56 -26.36 0.25
C LYS A 165 25.53 -26.09 -0.91
N GLY A 166 26.32 -25.01 -0.81
CA GLY A 166 27.28 -24.62 -1.85
C GLY A 166 26.78 -23.76 -3.02
N GLU A 167 25.56 -23.21 -2.90
CA GLU A 167 24.88 -22.50 -4.00
C GLU A 167 24.78 -20.97 -3.79
N GLY A 168 25.76 -20.40 -3.11
CA GLY A 168 25.81 -18.97 -2.80
C GLY A 168 25.64 -18.04 -3.99
N GLU A 169 26.38 -18.29 -5.08
CA GLU A 169 26.31 -17.42 -6.26
C GLU A 169 24.93 -17.49 -6.93
N GLU A 170 24.30 -18.65 -6.90
CA GLU A 170 22.92 -18.77 -7.35
C GLU A 170 21.95 -17.97 -6.50
N ALA A 171 22.08 -18.09 -5.19
CA ALA A 171 21.23 -17.38 -4.23
C ALA A 171 21.34 -15.87 -4.36
N ALA A 172 22.52 -15.39 -4.74
CA ALA A 172 22.79 -13.94 -4.79
C ALA A 172 22.64 -13.32 -6.17
N LYS A 173 22.35 -14.14 -7.19
CA LYS A 173 22.23 -13.63 -8.58
C LYS A 173 21.41 -12.32 -8.76
N TYR A 174 20.29 -12.20 -8.05
CA TYR A 174 19.40 -11.04 -8.24
C TYR A 174 19.27 -10.17 -6.98
N ASP A 175 20.40 -10.01 -6.28
CA ASP A 175 20.51 -9.23 -5.05
C ASP A 175 20.39 -7.72 -5.24
N GLU A 176 20.68 -7.25 -6.44
CA GLU A 176 20.69 -5.82 -6.69
C GLU A 176 19.26 -5.29 -6.83
N PRO A 177 18.98 -4.10 -6.25
CA PRO A 177 17.66 -3.50 -6.39
C PRO A 177 17.26 -3.43 -7.86
N ARG A 178 15.97 -3.68 -8.14
CA ARG A 178 15.46 -3.73 -9.50
C ARG A 178 14.42 -2.64 -9.74
N HIS A 179 14.42 -2.07 -10.93
CA HIS A 179 13.43 -1.09 -11.30
C HIS A 179 12.25 -1.82 -11.93
N ILE A 180 11.17 -1.91 -11.17
CA ILE A 180 10.02 -2.70 -11.55
C ILE A 180 8.77 -1.84 -11.50
N CYS A 181 7.61 -2.47 -11.66
CA CYS A 181 6.33 -1.79 -11.67
C CYS A 181 5.56 -2.11 -10.40
N GLU A 182 4.94 -1.10 -9.82
CA GLU A 182 4.07 -1.24 -8.67
C GLU A 182 2.66 -0.95 -9.16
N ILE A 183 1.82 -1.98 -9.11
CA ILE A 183 0.44 -1.89 -9.62
C ILE A 183 -0.53 -1.61 -8.48
N ASN A 184 -1.41 -0.63 -8.70
CA ASN A 184 -2.43 -0.24 -7.74
C ASN A 184 -3.69 0.23 -8.49
N PHE A 185 -4.79 0.33 -7.75
CA PHE A 185 -5.98 1.02 -8.24
C PHE A 185 -6.76 0.33 -9.35
N LEU A 186 -6.69 -1.00 -9.40
CA LEU A 186 -7.48 -1.74 -10.38
C LEU A 186 -8.97 -1.64 -10.01
N CYS A 187 -9.78 -1.21 -10.95
CA CYS A 187 -11.18 -1.01 -10.71
C CYS A 187 -12.00 -1.13 -12.00
N VAL A 188 -13.06 -1.93 -11.93
CA VAL A 188 -14.05 -2.07 -12.99
C VAL A 188 -15.40 -1.53 -12.46
N HIS A 189 -15.98 -0.60 -13.19
CA HIS A 189 -17.33 -0.08 -12.88
C HIS A 189 -18.28 -1.23 -12.56
N LYS A 190 -19.11 -1.03 -11.54
CA LYS A 190 -20.05 -2.05 -11.06
C LYS A 190 -20.98 -2.59 -12.14
N GLN A 191 -21.37 -1.73 -13.08
CA GLN A 191 -22.23 -2.14 -14.20
C GLN A 191 -21.55 -3.13 -15.13
N LEU A 192 -20.22 -3.22 -15.05
CA LEU A 192 -19.44 -3.97 -16.02
C LEU A 192 -18.71 -5.19 -15.44
N ARG A 193 -19.07 -5.56 -14.21
CA ARG A 193 -18.40 -6.65 -13.49
C ARG A 193 -18.67 -8.02 -14.10
N GLU A 194 -17.69 -8.90 -14.00
CA GLU A 194 -17.84 -10.31 -14.42
C GLU A 194 -18.02 -10.46 -15.93
N LYS A 195 -17.54 -9.46 -16.66
CA LYS A 195 -17.53 -9.47 -18.11
C LYS A 195 -16.10 -9.67 -18.63
N ARG A 196 -15.23 -10.16 -17.75
CA ARG A 196 -13.82 -10.49 -18.06
C ARG A 196 -12.96 -9.27 -18.47
N LEU A 197 -13.39 -8.07 -18.08
CA LEU A 197 -12.66 -6.86 -18.47
C LEU A 197 -11.32 -6.68 -17.71
N ALA A 198 -11.23 -7.28 -16.51
CA ALA A 198 -10.02 -7.17 -15.69
C ALA A 198 -8.81 -7.94 -16.27
N PRO A 199 -9.01 -9.19 -16.76
CA PRO A 199 -7.92 -9.81 -17.51
C PRO A 199 -7.33 -8.90 -18.61
N ILE A 200 -8.21 -8.28 -19.40
CA ILE A 200 -7.80 -7.43 -20.53
C ILE A 200 -7.01 -6.18 -20.08
N LEU A 201 -7.48 -5.54 -19.02
CA LEU A 201 -6.77 -4.45 -18.37
C LEU A 201 -5.38 -4.88 -17.93
N ILE A 202 -5.30 -6.05 -17.31
CA ILE A 202 -4.00 -6.52 -16.81
C ILE A 202 -3.04 -6.85 -17.96
N LYS A 203 -3.53 -7.52 -19.01
CA LYS A 203 -2.75 -7.77 -20.24
C LYS A 203 -2.23 -6.49 -20.89
N GLU A 204 -3.08 -5.46 -21.00
CA GLU A 204 -2.66 -4.21 -21.61
C GLU A 204 -1.67 -3.43 -20.74
N ALA A 205 -1.87 -3.41 -19.42
CA ALA A 205 -0.88 -2.81 -18.51
C ALA A 205 0.47 -3.54 -18.64
N THR A 206 0.42 -4.87 -18.67
CA THR A 206 1.62 -5.71 -18.83
C THR A 206 2.38 -5.42 -20.15
N ARG A 207 1.64 -5.21 -21.24
CA ARG A 207 2.22 -4.85 -22.54
C ARG A 207 2.96 -3.50 -22.48
N ARG A 208 2.30 -2.49 -21.93
CA ARG A 208 2.89 -1.15 -21.79
C ARG A 208 4.15 -1.16 -20.92
N VAL A 209 4.10 -1.89 -19.81
CA VAL A 209 5.27 -2.07 -18.93
C VAL A 209 6.42 -2.84 -19.59
N ASN A 210 6.12 -3.96 -20.23
CA ASN A 210 7.14 -4.70 -20.98
C ASN A 210 7.81 -3.87 -22.07
N ARG A 211 7.04 -2.99 -22.74
CA ARG A 211 7.56 -2.15 -23.84
C ARG A 211 8.54 -1.09 -23.32
N THR A 212 8.55 -0.89 -22.00
CA THR A 212 9.55 -0.04 -21.38
C THR A 212 10.67 -0.89 -20.79
N ASN A 213 10.78 -2.14 -21.21
CA ASN A 213 11.84 -3.07 -20.76
C ASN A 213 11.76 -3.41 -19.26
N VAL A 214 10.54 -3.46 -18.74
CA VAL A 214 10.30 -3.87 -17.34
C VAL A 214 9.46 -5.15 -17.33
N TRP A 215 9.85 -6.13 -16.51
CA TRP A 215 9.36 -7.50 -16.65
C TRP A 215 8.82 -8.13 -15.35
N GLN A 216 8.98 -7.41 -14.25
CA GLN A 216 8.42 -7.79 -12.95
C GLN A 216 7.43 -6.74 -12.50
N ALA A 217 6.53 -7.13 -11.60
CA ALA A 217 5.67 -6.19 -10.93
C ALA A 217 5.37 -6.64 -9.50
N VAL A 218 5.03 -5.67 -8.65
CA VAL A 218 4.59 -6.00 -7.30
C VAL A 218 3.19 -5.42 -7.05
N TYR A 219 2.32 -6.21 -6.42
CA TYR A 219 0.98 -5.75 -6.11
C TYR A 219 0.48 -6.39 -4.84
N THR A 220 -0.53 -5.75 -4.23
CA THR A 220 -1.22 -6.31 -3.08
C THR A 220 -2.72 -6.38 -3.38
N ALA A 221 -3.40 -7.19 -2.60
CA ALA A 221 -4.84 -7.38 -2.72
C ALA A 221 -5.34 -7.90 -1.38
N GLY A 222 -6.60 -7.62 -1.08
CA GLY A 222 -7.25 -8.24 0.08
C GLY A 222 -7.71 -9.64 -0.28
N VAL A 223 -7.84 -9.94 -1.56
CA VAL A 223 -8.30 -11.27 -1.93
C VAL A 223 -7.14 -12.25 -2.14
N LEU A 224 -7.47 -13.54 -2.14
CA LEU A 224 -6.51 -14.60 -2.35
C LEU A 224 -6.44 -14.95 -3.83
N LEU A 225 -5.26 -14.74 -4.39
CA LEU A 225 -4.97 -14.98 -5.79
C LEU A 225 -3.75 -15.91 -5.84
N PRO A 226 -3.48 -16.50 -6.99
CA PRO A 226 -2.20 -17.23 -7.05
C PRO A 226 -1.03 -16.28 -7.34
N THR A 227 -0.01 -16.24 -6.48
CA THR A 227 0.04 -16.87 -5.16
C THR A 227 0.87 -15.89 -4.30
N PRO A 228 0.42 -15.60 -3.06
CA PRO A 228 1.15 -14.59 -2.29
C PRO A 228 2.50 -15.09 -1.79
N TYR A 229 3.49 -14.21 -1.77
CA TYR A 229 4.76 -14.54 -1.10
C TYR A 229 4.70 -14.15 0.37
N ALA A 230 3.74 -13.28 0.73
CA ALA A 230 3.57 -12.85 2.12
C ALA A 230 2.14 -12.43 2.41
N SER A 231 1.75 -12.55 3.68
CA SER A 231 0.39 -12.18 4.08
C SER A 231 0.34 -11.62 5.49
N GLY A 232 -0.42 -10.56 5.65
CA GLY A 232 -0.45 -9.87 6.92
C GLY A 232 -1.82 -9.36 7.22
N GLN A 233 -2.15 -9.46 8.51
CA GLN A 233 -3.42 -9.02 9.04
C GLN A 233 -3.42 -7.51 9.27
N TYR A 234 -4.58 -6.88 9.14
CA TYR A 234 -4.78 -5.47 9.46
C TYR A 234 -4.98 -5.24 10.94
N PHE A 235 -4.57 -4.07 11.41
CA PHE A 235 -4.70 -3.70 12.82
C PHE A 235 -5.27 -2.28 12.86
N HIS A 236 -6.06 -1.99 13.89
CA HIS A 236 -6.76 -0.70 14.01
C HIS A 236 -6.64 -0.13 15.41
N ARG A 237 -6.52 1.18 15.53
CA ARG A 237 -6.41 1.85 16.83
C ARG A 237 -7.47 2.94 16.88
N SER A 238 -8.49 2.73 17.70
CA SER A 238 -9.56 3.71 17.83
C SER A 238 -9.02 5.01 18.35
N LEU A 239 -9.42 6.08 17.67
CA LEU A 239 -9.09 7.44 18.09
C LEU A 239 -10.38 8.15 18.50
N ASN A 240 -11.49 7.76 17.86
CA ASN A 240 -12.76 8.39 18.11
C ASN A 240 -13.84 7.29 18.21
N PRO A 241 -13.87 6.56 19.34
CA PRO A 241 -14.66 5.33 19.43
C PRO A 241 -16.17 5.55 19.38
N GLU A 242 -16.65 6.68 19.90
CA GLU A 242 -18.08 7.00 19.82
C GLU A 242 -18.59 6.93 18.37
N LYS A 243 -17.86 7.57 17.45
CA LYS A 243 -18.17 7.51 16.02
C LYS A 243 -18.00 6.10 15.44
N LEU A 244 -16.90 5.43 15.80
CA LEU A 244 -16.60 4.11 15.28
C LEU A 244 -17.69 3.09 15.65
N VAL A 245 -18.22 3.21 16.87
CA VAL A 245 -19.34 2.40 17.33
C VAL A 245 -20.63 2.79 16.58
N GLU A 246 -20.89 4.08 16.46
CA GLU A 246 -22.09 4.52 15.76
C GLU A 246 -22.13 3.96 14.33
N ILE A 247 -21.05 4.15 13.57
CA ILE A 247 -21.01 3.67 12.19
C ILE A 247 -20.81 2.14 12.08
N ARG A 248 -20.55 1.49 13.22
CA ARG A 248 -20.35 0.04 13.31
C ARG A 248 -19.06 -0.50 12.69
N PHE A 249 -18.03 0.34 12.68
CA PHE A 249 -16.68 -0.11 12.42
C PHE A 249 -16.27 -0.97 13.62
N SER A 250 -16.64 -0.50 14.81
CA SER A 250 -16.31 -1.13 16.08
C SER A 250 -17.55 -1.62 16.80
N GLY A 251 -17.36 -2.62 17.67
CA GLY A 251 -18.40 -3.01 18.62
C GLY A 251 -18.05 -2.60 20.05
N ILE A 252 -19.06 -2.52 20.91
CA ILE A 252 -18.86 -2.35 22.34
C ILE A 252 -18.50 -3.71 22.95
N PRO A 253 -17.38 -3.78 23.70
CA PRO A 253 -16.92 -5.03 24.33
C PRO A 253 -17.99 -5.63 25.26
N ALA A 254 -18.17 -6.94 25.17
CA ALA A 254 -19.14 -7.65 26.01
C ALA A 254 -18.95 -7.40 27.50
N GLN A 255 -17.70 -7.18 27.91
CA GLN A 255 -17.36 -6.88 29.31
C GLN A 255 -17.70 -5.45 29.71
N TYR A 256 -17.71 -4.54 28.74
CA TYR A 256 -18.12 -3.14 29.01
C TYR A 256 -19.63 -3.02 29.24
N GLN A 257 -20.37 -4.09 28.96
CA GLN A 257 -21.82 -4.10 29.20
C GLN A 257 -22.13 -4.14 30.70
N LYS A 258 -21.44 -5.00 31.44
CA LYS A 258 -21.58 -5.08 32.90
C LYS A 258 -21.16 -3.78 33.62
N PHE A 259 -21.22 -2.65 32.90
CA PHE A 259 -20.97 -1.31 33.44
C PHE A 259 -22.19 -0.38 33.29
N GLN A 260 -22.11 0.80 33.90
CA GLN A 260 -23.24 1.75 33.95
C GLN A 260 -23.48 2.51 32.63
N ASN A 261 -22.55 3.41 32.27
CA ASN A 261 -22.55 4.12 30.97
C ASN A 261 -21.26 3.78 30.16
N PRO A 262 -21.23 2.58 29.52
CA PRO A 262 -20.10 2.05 28.74
C PRO A 262 -19.40 2.99 27.74
N MET A 263 -20.09 4.01 27.24
CA MET A 263 -19.49 4.89 26.24
C MET A 263 -18.41 5.81 26.84
N ALA A 264 -18.62 6.22 28.09
CA ALA A 264 -17.64 7.04 28.81
C ALA A 264 -16.40 6.20 29.13
N MET A 265 -16.62 4.92 29.41
CA MET A 265 -15.57 3.94 29.69
C MET A 265 -14.70 3.65 28.45
N LEU A 266 -15.35 3.52 27.30
CA LEU A 266 -14.64 3.24 26.05
C LEU A 266 -13.82 4.46 25.65
N LYS A 267 -14.43 5.65 25.74
CA LYS A 267 -13.73 6.90 25.52
C LYS A 267 -12.51 7.07 26.40
N ARG A 268 -12.67 6.80 27.70
CA ARG A 268 -11.57 6.85 28.67
C ARG A 268 -10.46 5.87 28.31
N ASN A 269 -10.86 4.67 27.93
CA ASN A 269 -9.92 3.65 27.53
C ASN A 269 -8.99 4.07 26.38
N TYR A 270 -9.54 4.81 25.41
CA TYR A 270 -8.76 5.19 24.22
C TYR A 270 -8.21 6.62 24.19
N GLN A 271 -8.41 7.36 25.29
CA GLN A 271 -8.01 8.76 25.40
C GLN A 271 -6.52 8.95 25.14
N LEU A 272 -6.17 10.15 24.69
CA LEU A 272 -4.79 10.46 24.30
C LEU A 272 -4.45 11.88 24.72
N PRO A 273 -3.16 12.13 25.03
CA PRO A 273 -2.72 13.48 25.27
C PRO A 273 -3.06 14.37 24.08
N SER A 274 -3.19 15.66 24.34
CA SER A 274 -3.51 16.61 23.28
C SER A 274 -2.25 17.05 22.53
N ALA A 275 -1.09 16.78 23.13
CA ALA A 275 0.18 17.15 22.53
C ALA A 275 1.22 16.05 22.67
N PRO A 276 2.06 15.86 21.63
CA PRO A 276 3.12 14.85 21.61
C PRO A 276 4.05 14.89 22.82
N LYS A 277 4.62 13.75 23.18
CA LYS A 277 5.47 13.63 24.37
C LYS A 277 6.97 13.77 24.08
N ASN A 278 7.37 13.69 22.82
CA ASN A 278 8.77 13.88 22.49
C ASN A 278 9.08 15.34 22.20
N SER A 279 9.83 15.96 23.10
CA SER A 279 10.41 17.27 22.87
C SER A 279 11.29 17.15 21.64
N GLY A 280 11.21 18.12 20.75
CA GLY A 280 11.97 17.99 19.51
C GLY A 280 11.23 17.31 18.38
N LEU A 281 9.93 17.05 18.57
CA LEU A 281 9.08 16.66 17.45
C LEU A 281 8.58 17.91 16.76
N ARG A 282 8.73 17.93 15.45
CA ARG A 282 8.17 18.96 14.57
C ARG A 282 7.90 18.35 13.19
N GLU A 283 7.23 19.10 12.31
CA GLU A 283 6.98 18.64 10.96
C GLU A 283 8.25 18.54 10.13
N MET A 284 8.34 17.52 9.29
CA MET A 284 9.41 17.43 8.33
C MET A 284 9.43 18.65 7.41
N LYS A 285 10.63 19.13 7.08
CA LYS A 285 10.79 20.21 6.10
C LYS A 285 11.76 19.75 5.01
N PRO A 286 11.76 20.45 3.84
CA PRO A 286 12.64 20.06 2.73
C PRO A 286 14.10 19.78 3.13
N SER A 287 14.65 20.54 4.08
CA SER A 287 16.06 20.34 4.44
C SER A 287 16.32 19.01 5.18
N ASP A 288 15.27 18.39 5.73
CA ASP A 288 15.44 17.10 6.42
C ASP A 288 15.63 15.92 5.46
N VAL A 289 15.40 16.14 4.15
CA VAL A 289 15.37 15.05 3.16
C VAL A 289 16.59 14.12 3.29
N PRO A 290 17.83 14.66 3.19
CA PRO A 290 18.98 13.75 3.28
C PRO A 290 19.07 12.88 4.55
N GLN A 291 18.76 13.44 5.72
CA GLN A 291 18.86 12.69 6.97
C GLN A 291 17.75 11.64 7.10
N VAL A 292 16.54 11.99 6.66
CA VAL A 292 15.40 11.07 6.67
C VAL A 292 15.70 9.88 5.75
N ARG A 293 16.16 10.18 4.53
CA ARG A 293 16.59 9.14 3.59
C ARG A 293 17.62 8.18 4.21
N ARG A 294 18.67 8.75 4.82
CA ARG A 294 19.71 7.95 5.46
C ARG A 294 19.12 7.05 6.56
N ILE A 295 18.37 7.60 7.52
CA ILE A 295 17.88 6.75 8.59
C ILE A 295 16.80 5.76 8.12
N LEU A 296 16.04 6.13 7.10
CA LEU A 296 15.04 5.21 6.53
C LEU A 296 15.73 4.05 5.82
N MET A 297 16.69 4.36 4.95
CA MET A 297 17.43 3.30 4.23
C MET A 297 18.17 2.34 5.16
N ASN A 298 18.78 2.85 6.20
CA ASN A 298 19.42 1.98 7.20
C ASN A 298 18.42 0.98 7.78
N TYR A 299 17.25 1.48 8.16
CA TYR A 299 16.19 0.65 8.73
C TYR A 299 15.61 -0.31 7.68
N LEU A 300 15.20 0.21 6.51
CA LEU A 300 14.57 -0.65 5.49
C LEU A 300 15.52 -1.73 4.99
N ASP A 301 16.82 -1.43 4.96
CA ASP A 301 17.87 -2.39 4.60
C ASP A 301 17.82 -3.75 5.32
N SER A 302 17.32 -3.78 6.55
CA SER A 302 17.30 -5.03 7.30
C SER A 302 16.14 -5.98 6.95
N PHE A 303 15.25 -5.58 6.03
CA PHE A 303 14.13 -6.43 5.62
C PHE A 303 14.44 -7.12 4.32
N ASP A 304 13.81 -8.27 4.06
CA ASP A 304 14.10 -9.01 2.83
C ASP A 304 13.58 -8.33 1.57
N VAL A 305 12.35 -7.80 1.66
CA VAL A 305 11.72 -7.09 0.56
C VAL A 305 11.49 -5.64 1.00
N GLY A 306 12.01 -4.68 0.22
CA GLY A 306 11.89 -3.28 0.57
C GLY A 306 12.30 -2.32 -0.53
N PRO A 307 11.72 -1.11 -0.50
CA PRO A 307 12.00 -0.09 -1.49
C PRO A 307 13.34 0.61 -1.24
N VAL A 308 13.92 1.16 -2.31
CA VAL A 308 15.10 2.03 -2.24
C VAL A 308 14.68 3.38 -2.83
N PHE A 309 14.83 4.44 -2.04
CA PHE A 309 14.34 5.76 -2.40
C PHE A 309 15.51 6.73 -2.67
N SER A 310 15.36 7.55 -3.71
CA SER A 310 16.26 8.68 -3.95
C SER A 310 15.86 9.86 -3.06
N ASP A 311 16.65 10.94 -3.08
CA ASP A 311 16.25 12.17 -2.38
C ASP A 311 14.88 12.65 -2.89
N ALA A 312 14.72 12.65 -4.22
CA ALA A 312 13.51 13.11 -4.87
C ALA A 312 12.26 12.32 -4.41
N GLU A 313 12.42 11.00 -4.30
CA GLU A 313 11.35 10.09 -3.86
C GLU A 313 11.01 10.27 -2.38
N ILE A 314 12.04 10.57 -1.58
CA ILE A 314 11.84 10.84 -0.17
C ILE A 314 11.04 12.15 -0.07
N SER A 315 11.41 13.15 -0.85
CA SER A 315 10.69 14.41 -0.89
C SER A 315 9.25 14.17 -1.31
N HIS A 316 9.05 13.45 -2.40
CA HIS A 316 7.69 13.20 -2.91
C HIS A 316 6.82 12.41 -1.91
N TYR A 317 7.34 11.31 -1.39
CA TYR A 317 6.50 10.39 -0.61
C TYR A 317 6.33 10.78 0.85
N LEU A 318 7.25 11.62 1.36
CA LEU A 318 7.25 11.98 2.77
C LEU A 318 7.03 13.47 3.15
N LEU A 319 7.46 14.43 2.34
CA LEU A 319 7.16 15.84 2.69
C LEU A 319 5.65 16.09 2.89
N PRO A 320 5.27 16.79 3.98
CA PRO A 320 3.82 16.94 4.23
C PRO A 320 3.06 17.60 3.06
N ARG A 321 1.82 17.16 2.82
CA ARG A 321 0.89 17.75 1.86
C ARG A 321 -0.45 17.80 2.57
N ASP A 322 -1.11 18.95 2.53
CA ASP A 322 -2.37 19.15 3.27
C ASP A 322 -3.40 18.10 2.85
N GLY A 323 -4.03 17.49 3.84
CA GLY A 323 -5.05 16.45 3.61
C GLY A 323 -4.56 15.08 3.15
N VAL A 324 -3.25 14.96 2.86
CA VAL A 324 -2.72 13.74 2.21
C VAL A 324 -1.67 12.98 3.05
N VAL A 325 -0.54 13.62 3.37
CA VAL A 325 0.57 12.95 4.04
C VAL A 325 1.14 13.89 5.10
N PHE A 326 1.43 13.30 6.27
CA PHE A 326 1.74 13.99 7.51
C PHE A 326 3.00 13.34 8.05
N THR A 327 4.07 14.12 8.19
CA THR A 327 5.38 13.58 8.53
C THR A 327 6.07 14.44 9.57
N TYR A 328 6.60 13.77 10.59
CA TYR A 328 7.21 14.43 11.70
C TYR A 328 8.54 13.81 11.93
N VAL A 329 9.49 14.64 12.34
CA VAL A 329 10.81 14.16 12.68
C VAL A 329 11.10 14.50 14.13
N VAL A 330 11.95 13.70 14.77
CA VAL A 330 12.53 14.07 16.07
C VAL A 330 13.91 14.64 15.80
N GLU A 331 14.08 15.91 16.14
CA GLU A 331 15.37 16.56 15.97
C GLU A 331 15.93 16.89 17.33
N ASN A 332 17.12 16.35 17.62
CA ASN A 332 17.86 16.91 18.74
C ASN A 332 19.34 17.13 18.47
N ASP A 333 19.83 18.25 19.02
CA ASP A 333 21.15 18.83 18.74
C ASP A 333 21.29 19.09 17.25
N LYS A 334 20.23 19.59 16.62
CA LYS A 334 20.20 19.84 15.17
C LYS A 334 20.33 18.58 14.28
N LYS A 335 20.20 17.39 14.87
CA LYS A 335 20.24 16.12 14.13
C LYS A 335 18.86 15.45 14.15
N VAL A 336 18.40 15.04 12.97
CA VAL A 336 17.18 14.24 12.87
C VAL A 336 17.50 12.81 13.28
N THR A 337 16.96 12.39 14.42
CA THR A 337 17.24 11.06 14.95
C THR A 337 16.11 10.05 14.71
N ASP A 338 14.88 10.53 14.56
CA ASP A 338 13.74 9.63 14.34
C ASP A 338 12.73 10.34 13.46
N PHE A 339 11.86 9.57 12.81
CA PHE A 339 10.69 10.17 12.14
C PHE A 339 9.56 9.17 12.03
N PHE A 340 8.35 9.69 11.87
CA PHE A 340 7.19 8.88 11.46
C PHE A 340 6.35 9.63 10.42
N SER A 341 5.60 8.87 9.62
CA SER A 341 4.70 9.43 8.63
C SER A 341 3.36 8.69 8.67
N PHE A 342 2.27 9.40 8.41
CA PHE A 342 1.01 8.73 8.10
C PHE A 342 0.30 9.46 6.97
N TYR A 343 -0.63 8.77 6.29
CA TYR A 343 -1.41 9.35 5.20
C TYR A 343 -2.92 9.04 5.41
N ARG A 344 -3.76 9.80 4.72
CA ARG A 344 -5.19 9.86 4.95
C ARG A 344 -5.93 9.23 3.79
N ILE A 345 -6.81 8.28 4.13
CA ILE A 345 -7.79 7.79 3.18
C ILE A 345 -9.12 7.73 3.88
N PRO A 346 -10.02 8.66 3.53
CA PRO A 346 -11.37 8.58 4.07
C PRO A 346 -12.14 7.43 3.43
N SER A 347 -13.09 6.86 4.15
CA SER A 347 -13.99 5.88 3.57
C SER A 347 -15.39 6.45 3.66
N THR A 348 -16.13 6.30 2.57
CA THR A 348 -17.54 6.60 2.53
C THR A 348 -18.28 5.61 3.42
N VAL A 349 -19.10 6.15 4.30
CA VAL A 349 -19.93 5.33 5.15
C VAL A 349 -21.25 5.14 4.41
N ILE A 350 -21.48 3.92 3.94
CA ILE A 350 -22.56 3.64 3.02
C ILE A 350 -23.94 3.70 3.65
N GLY A 351 -24.10 3.07 4.82
CA GLY A 351 -25.44 2.80 5.37
C GLY A 351 -25.99 3.72 6.47
N ASN A 352 -25.12 4.46 7.15
CA ASN A 352 -25.54 5.39 8.22
C ASN A 352 -26.34 6.59 7.66
N SER A 353 -26.75 7.50 8.54
CA SER A 353 -27.32 8.80 8.12
C SER A 353 -26.61 9.98 8.81
N ASN A 354 -26.34 9.84 10.11
CA ASN A 354 -25.62 10.84 10.92
C ASN A 354 -24.18 11.15 10.45
N TYR A 355 -23.58 10.21 9.70
CA TYR A 355 -22.17 10.32 9.28
C TYR A 355 -21.96 9.96 7.79
N ASN A 356 -21.19 10.78 7.10
CA ASN A 356 -20.88 10.54 5.69
C ASN A 356 -19.53 9.84 5.47
N LEU A 357 -18.58 10.08 6.36
CA LEU A 357 -17.18 9.67 6.14
C LEU A 357 -16.51 9.13 7.39
N LEU A 358 -15.68 8.09 7.18
CA LEU A 358 -14.73 7.63 8.19
C LEU A 358 -13.40 8.27 7.79
N ASN A 359 -12.78 8.99 8.73
CA ASN A 359 -11.51 9.66 8.46
C ASN A 359 -10.36 8.83 9.05
N ALA A 360 -9.68 8.05 8.21
CA ALA A 360 -8.67 7.09 8.67
C ALA A 360 -7.25 7.52 8.32
N ALA A 361 -6.36 7.43 9.32
CA ALA A 361 -4.92 7.59 9.15
C ALA A 361 -4.24 6.22 9.04
N TYR A 362 -3.27 6.11 8.12
CA TYR A 362 -2.57 4.86 7.87
C TYR A 362 -1.08 5.02 8.17
N VAL A 363 -0.54 4.12 8.99
CA VAL A 363 0.88 4.17 9.32
C VAL A 363 1.68 3.97 8.02
N HIS A 364 2.52 4.95 7.71
CA HIS A 364 3.34 4.97 6.49
C HIS A 364 4.75 4.50 6.90
N TYR A 365 5.81 5.12 6.38
CA TYR A 365 7.17 4.77 6.81
C TYR A 365 7.54 5.44 8.13
N TYR A 366 8.53 4.88 8.81
CA TYR A 366 9.09 5.50 10.00
C TYR A 366 10.48 4.96 10.23
N ALA A 367 11.18 5.54 11.19
CA ALA A 367 12.40 4.95 11.73
C ALA A 367 12.68 5.54 13.10
N ALA A 368 13.08 4.68 14.05
CA ALA A 368 13.54 5.17 15.37
C ALA A 368 14.98 4.75 15.64
N THR A 369 15.79 5.68 16.18
CA THR A 369 17.14 5.37 16.68
C THR A 369 17.43 5.78 18.13
N SER A 370 16.65 6.71 18.68
CA SER A 370 16.94 7.31 19.99
C SER A 370 15.90 6.99 21.05
N ILE A 371 14.77 6.44 20.60
CA ILE A 371 13.67 6.11 21.48
C ILE A 371 13.00 4.82 21.04
N PRO A 372 12.32 4.13 21.98
CA PRO A 372 11.61 2.91 21.60
C PRO A 372 10.54 3.24 20.56
N LEU A 373 10.33 2.33 19.63
CA LEU A 373 9.29 2.45 18.59
C LEU A 373 7.90 2.78 19.16
N HIS A 374 7.52 2.11 20.26
CA HIS A 374 6.20 2.38 20.87
C HIS A 374 6.06 3.83 21.32
N GLN A 375 7.16 4.45 21.73
CA GLN A 375 7.11 5.84 22.16
C GLN A 375 7.07 6.82 20.97
N LEU A 376 7.72 6.46 19.87
CA LEU A 376 7.61 7.26 18.64
C LEU A 376 6.19 7.21 18.08
N ILE A 377 5.61 6.02 18.02
CA ILE A 377 4.30 5.81 17.41
C ILE A 377 3.13 6.34 18.25
N LEU A 378 3.28 6.42 19.56
CA LEU A 378 2.29 7.12 20.39
C LEU A 378 2.12 8.56 19.94
N ASP A 379 3.22 9.23 19.63
CA ASP A 379 3.16 10.59 19.09
C ASP A 379 2.37 10.65 17.75
N LEU A 380 2.49 9.60 16.93
CA LEU A 380 1.70 9.47 15.70
C LEU A 380 0.21 9.48 16.05
N LEU A 381 -0.17 8.56 16.94
CA LEU A 381 -1.55 8.49 17.41
C LEU A 381 -2.03 9.84 17.95
N ILE A 382 -1.19 10.49 18.75
CA ILE A 382 -1.54 11.77 19.37
C ILE A 382 -1.81 12.85 18.31
N VAL A 383 -0.91 12.96 17.35
CA VAL A 383 -1.08 13.90 16.22
C VAL A 383 -2.31 13.57 15.36
N ALA A 384 -2.48 12.30 15.01
CA ALA A 384 -3.62 11.89 14.19
C ALA A 384 -4.94 12.24 14.90
N HIS A 385 -4.98 11.96 16.20
CA HIS A 385 -6.16 12.28 16.99
C HIS A 385 -6.44 13.78 17.04
N SER A 386 -5.43 14.60 17.34
CA SER A 386 -5.71 16.04 17.41
C SER A 386 -6.09 16.67 16.07
N ARG A 387 -5.69 16.04 14.97
CA ARG A 387 -6.10 16.54 13.63
C ARG A 387 -7.44 15.99 13.13
N GLY A 388 -8.20 15.33 14.00
CA GLY A 388 -9.53 14.85 13.65
C GLY A 388 -9.72 13.48 13.00
N PHE A 389 -8.68 12.65 12.98
CA PHE A 389 -8.80 11.29 12.44
C PHE A 389 -9.52 10.39 13.44
N ASP A 390 -10.26 9.42 12.91
CA ASP A 390 -11.17 8.56 13.71
C ASP A 390 -10.52 7.25 14.16
N VAL A 391 -9.56 6.76 13.38
CA VAL A 391 -8.90 5.48 13.62
C VAL A 391 -7.53 5.56 12.97
N CYS A 392 -6.61 4.72 13.42
CA CYS A 392 -5.33 4.59 12.79
C CYS A 392 -5.21 3.15 12.36
N ASN A 393 -4.80 2.94 11.10
CA ASN A 393 -4.71 1.60 10.50
C ASN A 393 -3.29 1.24 10.11
N MET A 394 -3.01 -0.07 10.09
CA MET A 394 -1.74 -0.56 9.59
C MET A 394 -1.83 -2.05 9.33
N VAL A 395 -0.91 -2.53 8.50
CA VAL A 395 -0.73 -3.99 8.34
C VAL A 395 0.50 -4.33 9.15
N GLU A 396 0.60 -5.59 9.60
CA GLU A 396 1.72 -6.08 10.42
C GLU A 396 3.04 -6.30 9.64
N ILE A 397 3.38 -5.38 8.74
CA ILE A 397 4.70 -5.40 8.07
C ILE A 397 5.68 -4.58 8.94
N LEU A 398 6.91 -4.36 8.46
CA LEU A 398 7.91 -3.63 9.26
C LEU A 398 7.98 -4.21 10.70
N ASP A 399 8.10 -3.34 11.70
CA ASP A 399 8.11 -3.74 13.11
C ASP A 399 6.81 -3.29 13.80
N ASN A 400 5.74 -3.23 12.99
CA ASN A 400 4.41 -2.83 13.42
C ASN A 400 3.85 -3.66 14.58
N ARG A 401 4.16 -4.96 14.63
CA ARG A 401 3.75 -5.83 15.74
C ARG A 401 4.32 -5.40 17.09
N SER A 402 5.52 -4.84 17.07
CA SER A 402 6.20 -4.49 18.34
C SER A 402 5.44 -3.49 19.20
N PHE A 403 4.48 -2.75 18.63
CA PHE A 403 3.79 -1.74 19.43
C PHE A 403 2.26 -1.92 19.58
N VAL A 404 1.75 -3.07 19.14
CA VAL A 404 0.32 -3.36 19.06
C VAL A 404 -0.38 -3.34 20.41
N GLU A 405 0.14 -4.15 21.34
CA GLU A 405 -0.47 -4.29 22.66
C GLU A 405 -0.41 -3.00 23.45
N GLN A 406 0.75 -2.37 23.51
CA GLN A 406 0.87 -1.18 24.35
C GLN A 406 0.08 0.02 23.84
N LEU A 407 -0.05 0.14 22.53
CA LEU A 407 -0.75 1.29 21.96
C LEU A 407 -2.24 0.99 21.74
N LYS A 408 -2.64 -0.23 22.11
CA LYS A 408 -4.04 -0.61 22.08
C LYS A 408 -4.61 -0.74 20.65
N PHE A 409 -3.80 -1.27 19.73
CA PHE A 409 -4.32 -1.68 18.40
C PHE A 409 -4.97 -3.06 18.54
N GLY A 410 -6.06 -3.29 17.82
CA GLY A 410 -6.67 -4.62 17.72
C GLY A 410 -6.59 -5.14 16.30
N ALA A 411 -6.47 -6.46 16.15
CA ALA A 411 -6.50 -7.10 14.84
C ALA A 411 -7.88 -6.90 14.21
N GLY A 412 -7.93 -6.67 12.90
CA GLY A 412 -9.21 -6.57 12.19
C GLY A 412 -9.53 -7.81 11.36
N ASP A 413 -10.53 -7.68 10.50
CA ASP A 413 -10.94 -8.73 9.53
C ASP A 413 -10.01 -8.85 8.32
N GLY A 414 -9.37 -7.76 7.95
CA GLY A 414 -8.66 -7.71 6.69
C GLY A 414 -7.32 -8.44 6.70
N HIS A 415 -6.98 -8.99 5.56
CA HIS A 415 -5.65 -9.57 5.35
C HIS A 415 -5.11 -9.02 4.05
N LEU A 416 -3.98 -8.32 4.14
CA LEU A 416 -3.32 -7.82 2.95
C LEU A 416 -2.29 -8.85 2.44
N ARG A 417 -2.43 -9.26 1.18
CA ARG A 417 -1.52 -10.23 0.56
C ARG A 417 -0.64 -9.53 -0.44
N TYR A 418 0.61 -9.97 -0.50
CA TYR A 418 1.65 -9.39 -1.34
C TYR A 418 2.03 -10.39 -2.43
N TYR A 419 2.21 -9.87 -3.65
CA TYR A 419 2.38 -10.72 -4.83
C TYR A 419 3.45 -10.14 -5.72
N PHE A 420 4.19 -11.02 -6.39
CA PHE A 420 5.02 -10.65 -7.53
C PHE A 420 4.42 -11.23 -8.80
N TYR A 421 4.48 -10.44 -9.87
CA TYR A 421 4.27 -10.89 -11.23
C TYR A 421 5.62 -11.25 -11.85
N ASN A 422 5.71 -12.45 -12.41
CA ASN A 422 6.95 -12.95 -13.07
C ASN A 422 8.19 -12.98 -12.16
N TRP A 423 8.02 -13.46 -10.94
CA TRP A 423 9.14 -13.48 -10.00
C TRP A 423 8.93 -14.60 -8.99
N ALA A 424 9.76 -15.64 -9.08
CA ALA A 424 9.74 -16.72 -8.09
C ALA A 424 10.38 -16.21 -6.82
N TYR A 425 9.66 -16.35 -5.71
CA TYR A 425 10.09 -15.86 -4.43
C TYR A 425 9.57 -16.80 -3.34
N PRO A 426 10.43 -17.18 -2.37
CA PRO A 426 9.94 -18.02 -1.28
C PRO A 426 8.94 -17.31 -0.38
N LYS A 427 8.21 -18.09 0.41
CA LYS A 427 7.20 -17.57 1.32
C LYS A 427 7.94 -16.94 2.50
N ILE A 428 7.61 -15.69 2.84
CA ILE A 428 8.22 -15.01 4.00
C ILE A 428 7.18 -14.48 5.00
N LYS A 429 7.61 -14.20 6.22
CA LYS A 429 6.72 -13.60 7.20
C LYS A 429 6.47 -12.13 6.82
N PRO A 430 5.30 -11.57 7.19
CA PRO A 430 5.05 -10.19 6.80
C PRO A 430 6.00 -9.22 7.51
N SER A 431 6.54 -9.62 8.67
CA SER A 431 7.55 -8.81 9.35
C SER A 431 8.92 -8.81 8.64
N GLN A 432 9.00 -9.52 7.51
CA GLN A 432 10.17 -9.34 6.63
C GLN A 432 9.87 -8.49 5.39
N VAL A 433 8.74 -7.78 5.43
CA VAL A 433 8.31 -6.85 4.35
C VAL A 433 8.40 -5.40 4.81
N ALA A 434 9.04 -4.57 3.97
CA ALA A 434 9.24 -3.16 4.26
C ALA A 434 8.58 -2.23 3.24
N LEU A 435 7.78 -2.77 2.33
CA LEU A 435 7.08 -1.98 1.31
C LEU A 435 5.64 -1.66 1.72
N VAL A 436 5.37 -0.35 1.88
CA VAL A 436 4.03 0.16 2.16
C VAL A 436 3.31 0.45 0.83
N MET A 437 2.11 -0.09 0.64
CA MET A 437 1.33 0.23 -0.57
C MET A 437 0.22 1.22 -0.23
N LEU A 438 0.03 2.20 -1.11
CA LEU A 438 -0.95 3.25 -0.89
C LEU A 438 -2.38 2.77 -1.25
#